data_2Y2B
#
_entry.id   2Y2B
#
_cell.length_a   67.774
_cell.length_b   67.774
_cell.length_c   92.836
_cell.angle_alpha   90.00
_cell.angle_beta   90.00
_cell.angle_gamma   120.00
#
_symmetry.space_group_name_H-M   'P 32'
#
loop_
_entity.id
_entity.type
_entity.pdbx_description
1 polymer '1,6-ANHYDRO-N-ACETYLMURAMYL-L-ALANINE AMIDASE AMPD'
2 non-polymer '2-(2-ACETYLAMINO-4-HYDROXY-6,8-DIOXA-BICYCLO[3.2.1]OCT-3-YLOXY)-PROPIONIC ACID'
3 non-polymer 'L-ALA-GAMMA-D-GLU-MESO-DIAMINOPIMELIC ACID'
4 non-polymer 'ZINC ION'
5 water water
#
_entity_poly.entity_id   1
_entity_poly.type   'polypeptide(L)'
_entity_poly.pdbx_seq_one_letter_code
;MLLDEGWLAEARRVPSPHYDCRPDDENPSLLVVHNISLPPGEFGGPWIDALFTGTIDPNAHPYFAGIAHLRVSAHCLIRR
DGEIVQYVPFDKRAWHAGVSSYQGRERCNDFSIGIELEGTDTLAYTDAQYQQLAAVTNALITRYPAIANNMTGHCNIAPE
RKTDPGPSFDWARFRALVTPSSHKEMT
;
_entity_poly.pdbx_strand_id   A,B,C
#
# COMPACT_ATOMS: atom_id res chain seq x y z
N MET A 1 7.27 22.41 -5.66
CA MET A 1 5.83 22.63 -5.53
C MET A 1 5.02 21.51 -6.17
N LEU A 2 3.75 21.46 -5.83
CA LEU A 2 2.88 20.34 -6.13
C LEU A 2 1.80 20.71 -7.14
N LEU A 3 1.26 19.70 -7.81
CA LEU A 3 0.14 19.84 -8.72
C LEU A 3 -1.12 19.24 -8.12
N ASP A 4 -2.24 19.93 -8.32
CA ASP A 4 -3.52 19.51 -7.78
C ASP A 4 -4.53 19.55 -8.92
N GLU A 5 -4.86 18.38 -9.46
CA GLU A 5 -5.85 18.29 -10.52
C GLU A 5 -5.61 19.27 -11.66
N GLY A 6 -4.37 19.35 -12.15
CA GLY A 6 -4.09 20.22 -13.28
C GLY A 6 -3.81 21.65 -12.89
N TRP A 7 -4.00 21.98 -11.62
CA TRP A 7 -3.69 23.30 -11.12
C TRP A 7 -2.46 23.27 -10.21
N LEU A 8 -1.54 24.22 -10.41
CA LEU A 8 -0.44 24.44 -9.48
C LEU A 8 -1.03 24.61 -8.09
N ALA A 9 -0.47 23.90 -7.12
CA ALA A 9 -0.93 24.05 -5.76
C ALA A 9 -0.64 25.48 -5.29
N GLU A 10 0.41 26.07 -5.83
CA GLU A 10 0.87 27.37 -5.39
C GLU A 10 0.85 28.35 -6.55
N ALA A 11 -0.30 28.97 -6.77
CA ALA A 11 -0.47 29.98 -7.81
C ALA A 11 -1.79 30.71 -7.60
N ARG A 12 -1.85 31.96 -8.04
CA ARG A 12 -3.10 32.70 -8.06
C ARG A 12 -3.92 32.12 -9.22
N ARG A 13 -5.13 31.65 -8.92
CA ARG A 13 -5.99 31.04 -9.90
C ARG A 13 -6.94 32.07 -10.49
N VAL A 14 -6.78 32.30 -11.80
CA VAL A 14 -7.55 33.26 -12.56
C VAL A 14 -8.20 32.52 -13.73
N PRO A 15 -9.23 31.70 -13.45
CA PRO A 15 -9.69 30.75 -14.45
C PRO A 15 -10.30 31.44 -15.65
N SER A 16 -9.80 31.08 -16.81
CA SER A 16 -10.16 31.75 -18.04
C SER A 16 -11.18 30.96 -18.85
N PRO A 17 -12.16 31.65 -19.44
CA PRO A 17 -13.06 30.99 -20.40
C PRO A 17 -12.30 30.55 -21.66
N HIS A 18 -11.10 31.08 -21.88
CA HIS A 18 -10.30 30.79 -23.09
C HIS A 18 -9.55 29.44 -23.06
N TYR A 19 -10.28 28.32 -23.04
CA TYR A 19 -9.65 27.01 -23.21
C TYR A 19 -10.62 25.97 -23.73
N ASP A 20 -10.08 24.91 -24.32
CA ASP A 20 -10.90 23.78 -24.76
C ASP A 20 -10.15 22.48 -24.46
N CYS A 21 -10.52 21.38 -25.09
CA CYS A 21 -9.88 20.11 -24.79
C CYS A 21 -8.71 19.86 -25.74
N ARG A 22 -7.67 19.19 -25.24
CA ARG A 22 -6.65 18.65 -26.10
C ARG A 22 -7.29 17.49 -26.84
N PRO A 23 -6.95 17.29 -28.12
CA PRO A 23 -7.53 16.19 -28.90
C PRO A 23 -7.34 14.86 -28.19
N ASP A 24 -8.44 14.13 -27.97
CA ASP A 24 -8.41 12.88 -27.24
C ASP A 24 -7.79 13.00 -25.85
N ASP A 25 -7.89 14.19 -25.26
CA ASP A 25 -7.33 14.42 -23.92
C ASP A 25 -5.91 13.86 -23.82
N GLU A 26 -5.11 14.07 -24.86
CA GLU A 26 -3.70 13.66 -24.84
C GLU A 26 -2.95 14.37 -23.70
N ASN A 27 -1.91 13.72 -23.20
CA ASN A 27 -1.04 14.33 -22.18
C ASN A 27 -0.10 15.31 -22.83
N PRO A 28 0.08 16.49 -22.24
CA PRO A 28 1.06 17.39 -22.85
C PRO A 28 2.47 16.84 -22.70
N SER A 29 3.32 17.08 -23.71
CA SER A 29 4.69 16.58 -23.71
C SER A 29 5.73 17.67 -24.05
N LEU A 30 5.26 18.89 -24.29
CA LEU A 30 6.14 20.01 -24.69
C LEU A 30 5.91 21.25 -23.82
N LEU A 31 6.99 21.87 -23.35
CA LEU A 31 6.88 23.16 -22.64
C LEU A 31 7.26 24.24 -23.62
N VAL A 32 6.40 25.24 -23.80
CA VAL A 32 6.74 26.38 -24.62
C VAL A 32 6.91 27.61 -23.76
N VAL A 33 8.11 28.19 -23.79
CA VAL A 33 8.36 29.42 -23.05
C VAL A 33 8.00 30.64 -23.91
N HIS A 34 7.22 31.55 -23.34
CA HIS A 34 6.80 32.78 -24.01
C HIS A 34 7.28 33.98 -23.20
N ASN A 35 7.19 35.17 -23.78
CA ASN A 35 7.12 36.37 -22.96
C ASN A 35 5.93 37.23 -23.39
N ILE A 36 5.51 38.12 -22.49
CA ILE A 36 4.43 39.02 -22.80
C ILE A 36 4.59 40.29 -21.96
N SER A 37 4.21 41.41 -22.52
CA SER A 37 4.12 42.65 -21.76
C SER A 37 3.09 43.54 -22.40
N LEU A 38 2.27 44.18 -21.57
CA LEU A 38 1.17 44.99 -22.05
C LEU A 38 1.02 46.21 -21.17
N PRO A 39 1.06 47.42 -21.76
CA PRO A 39 1.43 47.69 -23.15
C PRO A 39 2.84 47.18 -23.38
N PRO A 40 3.29 47.09 -24.64
CA PRO A 40 4.64 46.57 -24.91
C PRO A 40 5.70 47.29 -24.10
N GLY A 41 6.56 46.52 -23.45
CA GLY A 41 7.66 47.05 -22.66
C GLY A 41 7.31 47.48 -21.24
N GLU A 42 6.05 47.36 -20.84
CA GLU A 42 5.63 47.82 -19.51
C GLU A 42 5.19 46.62 -18.67
N PHE A 43 5.43 46.69 -17.36
CA PHE A 43 5.06 45.60 -16.47
C PHE A 43 4.13 46.04 -15.34
N GLY A 44 3.35 45.08 -14.84
CA GLY A 44 2.54 45.31 -13.65
C GLY A 44 1.07 45.58 -13.86
N GLY A 45 0.61 45.68 -15.10
CA GLY A 45 -0.79 45.99 -15.31
C GLY A 45 -1.78 44.86 -15.01
N PRO A 46 -3.08 45.17 -15.08
CA PRO A 46 -4.09 44.10 -15.12
C PRO A 46 -4.27 43.55 -16.54
N TRP A 47 -3.50 44.06 -17.48
CA TRP A 47 -3.86 43.87 -18.89
C TRP A 47 -3.60 42.46 -19.38
N ILE A 48 -2.57 41.82 -18.86
CA ILE A 48 -2.29 40.45 -19.24
C ILE A 48 -3.43 39.52 -18.83
N ASP A 49 -3.83 39.58 -17.56
CA ASP A 49 -4.98 38.82 -17.09
C ASP A 49 -6.18 39.10 -17.98
N ALA A 50 -6.41 40.38 -18.29
CA ALA A 50 -7.59 40.73 -19.06
C ALA A 50 -7.53 40.13 -20.46
N LEU A 51 -6.38 40.19 -21.09
CA LEU A 51 -6.22 39.61 -22.42
C LEU A 51 -6.51 38.11 -22.40
N PHE A 52 -5.90 37.39 -21.46
CA PHE A 52 -6.00 35.95 -21.42
C PHE A 52 -7.37 35.45 -20.93
N THR A 53 -8.20 36.34 -20.41
CA THR A 53 -9.56 35.97 -19.98
C THR A 53 -10.63 36.58 -20.88
N GLY A 54 -10.21 37.30 -21.91
CA GLY A 54 -11.14 37.79 -22.92
C GLY A 54 -11.90 39.06 -22.55
N THR A 55 -11.39 39.83 -21.59
CA THR A 55 -12.13 41.00 -21.11
C THR A 55 -11.41 42.32 -21.36
N ILE A 56 -10.37 42.31 -22.19
CA ILE A 56 -9.52 43.51 -22.27
C ILE A 56 -10.26 44.69 -22.89
N ASP A 57 -10.00 45.87 -22.34
CA ASP A 57 -10.57 47.10 -22.85
C ASP A 57 -9.78 47.56 -24.08
N PRO A 58 -10.40 47.48 -25.26
CA PRO A 58 -9.65 47.86 -26.48
C PRO A 58 -9.22 49.31 -26.46
N ASN A 59 -9.85 50.14 -25.63
CA ASN A 59 -9.56 51.57 -25.60
C ASN A 59 -8.57 52.05 -24.53
N ALA A 60 -8.11 51.15 -23.66
CA ALA A 60 -7.27 51.59 -22.54
C ALA A 60 -5.84 51.94 -22.98
N HIS A 61 -5.46 51.51 -24.17
CA HIS A 61 -4.17 51.85 -24.75
C HIS A 61 -4.24 51.57 -26.25
N PRO A 62 -3.55 52.40 -27.05
CA PRO A 62 -3.57 52.25 -28.50
C PRO A 62 -3.21 50.83 -28.94
N TYR A 63 -2.38 50.16 -28.16
CA TYR A 63 -1.99 48.81 -28.52
C TYR A 63 -3.13 47.79 -28.36
N PHE A 64 -4.07 48.06 -27.47
CA PHE A 64 -5.10 47.06 -27.11
C PHE A 64 -6.16 46.79 -28.19
N ALA A 65 -6.53 47.82 -28.96
CA ALA A 65 -7.51 47.64 -30.02
C ALA A 65 -7.14 46.50 -30.93
N GLY A 66 -5.85 46.44 -31.28
CA GLY A 66 -5.35 45.43 -32.20
C GLY A 66 -5.46 44.01 -31.70
N ILE A 67 -5.31 43.82 -30.38
CA ILE A 67 -5.29 42.48 -29.84
C ILE A 67 -6.63 42.09 -29.22
N ALA A 68 -7.56 43.03 -29.19
CA ALA A 68 -8.91 42.76 -28.69
C ALA A 68 -9.59 41.65 -29.52
N HIS A 69 -9.26 41.56 -30.80
CA HIS A 69 -9.91 40.57 -31.65
C HIS A 69 -9.34 39.16 -31.42
N LEU A 70 -8.24 39.09 -30.68
CA LEU A 70 -7.60 37.81 -30.42
C LEU A 70 -8.42 36.98 -29.43
N ARG A 71 -8.31 35.66 -29.56
CA ARG A 71 -8.82 34.75 -28.55
C ARG A 71 -7.65 33.89 -28.09
N VAL A 72 -6.94 34.36 -27.07
CA VAL A 72 -5.71 33.69 -26.65
C VAL A 72 -5.67 33.51 -25.15
N SER A 73 -4.76 32.66 -24.70
CA SER A 73 -4.55 32.37 -23.29
C SER A 73 -3.24 31.61 -23.15
N ALA A 74 -2.77 31.45 -21.92
CA ALA A 74 -1.61 30.61 -21.66
C ALA A 74 -1.97 29.86 -20.40
N HIS A 75 -1.21 28.82 -20.09
CA HIS A 75 -1.47 28.13 -18.85
C HIS A 75 -1.09 28.96 -17.64
N CYS A 76 0.11 29.55 -17.65
CA CYS A 76 0.60 30.37 -16.53
C CYS A 76 1.31 31.63 -16.99
N LEU A 77 1.25 32.66 -16.14
CA LEU A 77 2.09 33.84 -16.26
C LEU A 77 2.97 33.90 -15.02
N ILE A 78 4.25 34.24 -15.22
CA ILE A 78 5.15 34.51 -14.11
C ILE A 78 5.56 35.98 -14.19
N ARG A 79 5.10 36.76 -13.22
CA ARG A 79 5.31 38.19 -13.23
C ARG A 79 6.74 38.56 -12.82
N ARG A 80 7.09 39.83 -12.98
CA ARG A 80 8.44 40.32 -12.69
C ARG A 80 8.87 40.00 -11.25
N ASP A 81 7.93 40.04 -10.31
CA ASP A 81 8.27 39.76 -8.91
C ASP A 81 8.14 38.29 -8.55
N GLY A 82 7.92 37.44 -9.55
CA GLY A 82 7.87 36.02 -9.33
C GLY A 82 6.47 35.48 -9.10
N GLU A 83 5.49 36.36 -9.00
CA GLU A 83 4.13 35.88 -8.76
C GLU A 83 3.67 34.97 -9.90
N ILE A 84 3.19 33.78 -9.57
CA ILE A 84 2.65 32.84 -10.56
C ILE A 84 1.12 32.92 -10.63
N VAL A 85 0.61 33.17 -11.83
CA VAL A 85 -0.82 33.20 -12.09
C VAL A 85 -1.17 32.11 -13.08
N GLN A 86 -2.18 31.30 -12.77
CA GLN A 86 -2.59 30.21 -13.67
C GLN A 86 -4.00 30.42 -14.21
N TYR A 87 -4.14 30.36 -15.54
CA TYR A 87 -5.42 30.62 -16.21
C TYR A 87 -6.10 29.36 -16.71
N VAL A 88 -5.33 28.33 -16.99
CA VAL A 88 -5.87 27.14 -17.63
C VAL A 88 -5.24 25.90 -17.00
N PRO A 89 -6.06 24.92 -16.62
CA PRO A 89 -5.43 23.74 -16.01
C PRO A 89 -4.56 23.03 -17.05
N PHE A 90 -3.51 22.33 -16.61
CA PHE A 90 -2.52 21.82 -17.55
C PHE A 90 -3.07 20.73 -18.47
N ASP A 91 -4.12 20.05 -18.03
CA ASP A 91 -4.68 18.97 -18.85
C ASP A 91 -5.51 19.51 -20.01
N LYS A 92 -5.78 20.82 -19.98
CA LYS A 92 -6.66 21.43 -20.99
C LYS A 92 -5.81 22.19 -22.00
N ARG A 93 -6.42 22.56 -23.12
CA ARG A 93 -5.70 23.24 -24.20
C ARG A 93 -5.84 24.75 -24.13
N ALA A 94 -4.77 25.42 -23.74
CA ALA A 94 -4.68 26.88 -23.78
C ALA A 94 -4.33 27.36 -25.18
N TRP A 95 -4.61 28.62 -25.48
CA TRP A 95 -4.44 29.10 -26.86
C TRP A 95 -3.26 30.07 -26.94
N HIS A 96 -2.07 29.50 -26.87
CA HIS A 96 -0.85 30.28 -26.69
C HIS A 96 0.15 30.17 -27.86
N ALA A 97 0.08 29.10 -28.65
CA ALA A 97 1.11 28.86 -29.68
C ALA A 97 0.78 29.36 -31.08
N GLY A 98 -0.50 29.41 -31.41
CA GLY A 98 -0.90 29.77 -32.77
C GLY A 98 -0.36 28.79 -33.80
N VAL A 99 -0.19 29.25 -35.04
CA VAL A 99 0.30 28.39 -36.10
C VAL A 99 1.74 28.06 -35.78
N SER A 100 2.07 26.77 -35.71
CA SER A 100 3.34 26.35 -35.16
C SER A 100 3.68 24.94 -35.53
N SER A 101 4.95 24.60 -35.39
CA SER A 101 5.43 23.25 -35.70
C SER A 101 6.60 22.87 -34.81
N TYR A 102 6.57 21.65 -34.29
CA TYR A 102 7.66 21.10 -33.48
C TYR A 102 7.97 19.68 -33.92
N GLN A 103 9.15 19.47 -34.48
CA GLN A 103 9.59 18.12 -34.88
C GLN A 103 8.55 17.50 -35.82
N GLY A 104 8.01 18.35 -36.70
CA GLY A 104 7.11 17.89 -37.74
C GLY A 104 5.64 17.93 -37.37
N ARG A 105 5.38 18.08 -36.07
CA ARG A 105 4.00 18.11 -35.61
C ARG A 105 3.47 19.54 -35.47
N GLU A 106 2.33 19.80 -36.11
CA GLU A 106 1.76 21.13 -36.11
C GLU A 106 0.79 21.33 -34.93
N ARG A 107 0.20 22.51 -34.85
N ARG A 107 0.18 22.52 -34.85
CA ARG A 107 -0.80 22.81 -33.81
CA ARG A 107 -0.80 22.81 -33.82
C ARG A 107 -0.26 22.46 -32.44
C ARG A 107 -0.26 22.45 -32.43
N CYS A 108 0.85 23.08 -32.07
CA CYS A 108 1.50 22.82 -30.78
C CYS A 108 0.61 23.06 -29.55
N ASN A 109 -0.43 23.90 -29.66
CA ASN A 109 -1.41 24.02 -28.56
C ASN A 109 -1.86 22.65 -28.06
N ASP A 110 -2.02 21.72 -29.00
CA ASP A 110 -2.58 20.40 -28.71
C ASP A 110 -1.82 19.65 -27.63
N PHE A 111 -0.49 19.65 -27.71
CA PHE A 111 0.37 18.81 -26.87
C PHE A 111 1.37 19.61 -26.03
N SER A 112 1.17 20.93 -25.93
CA SER A 112 2.10 21.76 -25.17
C SER A 112 1.44 22.47 -24.00
N ILE A 113 2.29 22.89 -23.06
CA ILE A 113 1.94 23.76 -21.96
C ILE A 113 2.65 25.09 -22.20
N GLY A 114 1.92 26.20 -22.13
CA GLY A 114 2.48 27.51 -22.38
C GLY A 114 2.65 28.33 -21.10
N ILE A 115 3.90 28.65 -20.77
CA ILE A 115 4.22 29.52 -19.65
C ILE A 115 4.77 30.84 -20.17
N GLU A 116 4.17 31.94 -19.72
CA GLU A 116 4.53 33.28 -20.16
C GLU A 116 5.38 33.94 -19.10
N LEU A 117 6.53 34.47 -19.49
CA LEU A 117 7.30 35.30 -18.59
C LEU A 117 6.99 36.75 -18.89
N GLU A 118 6.57 37.52 -17.90
CA GLU A 118 6.38 38.96 -18.12
C GLU A 118 7.75 39.55 -18.44
N GLY A 119 7.88 40.17 -19.61
CA GLY A 119 9.18 40.67 -20.05
C GLY A 119 9.26 40.87 -21.55
N THR A 120 10.48 41.10 -22.02
CA THR A 120 10.72 41.42 -23.42
C THR A 120 11.90 40.60 -23.93
N ASP A 121 12.09 40.61 -25.25
CA ASP A 121 13.17 39.87 -25.89
C ASP A 121 14.55 40.42 -25.54
N THR A 122 14.60 41.68 -25.10
CA THR A 122 15.87 42.38 -24.97
C THR A 122 16.21 42.79 -23.54
N LEU A 123 15.27 42.61 -22.62
CA LEU A 123 15.53 42.90 -21.21
C LEU A 123 15.70 41.61 -20.42
N ALA A 124 16.69 41.57 -19.53
CA ALA A 124 16.91 40.40 -18.68
C ALA A 124 15.64 40.08 -17.88
N TYR A 125 15.36 38.79 -17.71
CA TYR A 125 14.30 38.38 -16.80
C TYR A 125 14.85 38.41 -15.37
N THR A 126 13.97 38.48 -14.36
CA THR A 126 14.43 38.62 -12.98
C THR A 126 14.87 37.30 -12.34
N ASP A 127 15.63 37.40 -11.25
CA ASP A 127 16.04 36.20 -10.52
C ASP A 127 14.81 35.42 -10.08
N ALA A 128 13.76 36.13 -9.67
CA ALA A 128 12.54 35.47 -9.20
C ALA A 128 11.90 34.68 -10.32
N GLN A 129 11.96 35.22 -11.54
CA GLN A 129 11.31 34.55 -12.66
C GLN A 129 12.01 33.24 -13.01
N TYR A 130 13.34 33.23 -12.97
CA TYR A 130 14.07 31.99 -13.22
C TYR A 130 13.79 30.96 -12.13
N GLN A 131 13.84 31.38 -10.87
CA GLN A 131 13.53 30.48 -9.76
C GLN A 131 12.13 29.88 -9.89
N GLN A 132 11.17 30.73 -10.23
CA GLN A 132 9.78 30.29 -10.27
C GLN A 132 9.50 29.47 -11.51
N LEU A 133 10.06 29.86 -12.65
CA LEU A 133 9.92 29.06 -13.87
C LEU A 133 10.44 27.65 -13.62
N ALA A 134 11.59 27.57 -12.95
CA ALA A 134 12.18 26.28 -12.64
C ALA A 134 11.29 25.42 -11.75
N ALA A 135 10.67 26.04 -10.75
CA ALA A 135 9.85 25.29 -9.80
C ALA A 135 8.63 24.74 -10.52
N VAL A 136 8.05 25.58 -11.36
CA VAL A 136 6.88 25.13 -12.10
C VAL A 136 7.29 24.01 -13.04
N THR A 137 8.40 24.22 -13.76
CA THR A 137 8.85 23.23 -14.72
C THR A 137 9.16 21.89 -14.04
N ASN A 138 9.83 21.95 -12.89
CA ASN A 138 10.14 20.73 -12.16
C ASN A 138 8.87 19.98 -11.75
N ALA A 139 7.84 20.73 -11.39
CA ALA A 139 6.55 20.15 -11.07
C ALA A 139 5.96 19.47 -12.30
N LEU A 140 5.93 20.19 -13.41
CA LEU A 140 5.41 19.64 -14.65
C LEU A 140 6.14 18.38 -15.08
N ILE A 141 7.45 18.35 -14.88
CA ILE A 141 8.26 17.21 -15.29
C ILE A 141 7.91 15.97 -14.47
N THR A 142 7.59 16.20 -13.20
CA THR A 142 7.15 15.11 -12.33
C THR A 142 5.88 14.46 -12.86
N ARG A 143 4.94 15.28 -13.30
CA ARG A 143 3.67 14.79 -13.81
C ARG A 143 3.76 14.31 -15.27
N TYR A 144 4.56 15.00 -16.07
CA TYR A 144 4.71 14.69 -17.48
C TYR A 144 6.19 14.57 -17.83
N PRO A 145 6.75 13.37 -17.66
CA PRO A 145 8.20 13.18 -17.74
C PRO A 145 8.80 13.58 -19.08
N ALA A 146 8.03 13.48 -20.16
CA ALA A 146 8.51 13.83 -21.49
C ALA A 146 8.88 15.31 -21.63
N ILE A 147 8.35 16.16 -20.76
CA ILE A 147 8.67 17.57 -20.86
C ILE A 147 10.15 17.78 -20.61
N ALA A 148 10.73 16.90 -19.79
CA ALA A 148 12.16 16.98 -19.49
C ALA A 148 13.00 17.02 -20.76
N ASN A 149 12.49 16.39 -21.82
CA ASN A 149 13.19 16.25 -23.08
C ASN A 149 12.69 17.22 -24.12
N ASN A 150 11.73 18.05 -23.72
CA ASN A 150 11.05 18.87 -24.70
C ASN A 150 10.69 20.22 -24.14
N MET A 151 11.66 21.13 -24.10
CA MET A 151 11.42 22.50 -23.67
C MET A 151 11.89 23.44 -24.78
N THR A 152 11.06 24.40 -25.16
CA THR A 152 11.39 25.21 -26.32
C THR A 152 10.85 26.62 -26.15
N GLY A 153 11.27 27.52 -27.03
CA GLY A 153 10.72 28.87 -27.05
C GLY A 153 9.63 28.98 -28.12
N HIS A 154 8.72 29.91 -27.95
CA HIS A 154 7.71 30.15 -28.98
C HIS A 154 8.42 30.43 -30.32
N CYS A 155 9.50 31.20 -30.25
CA CYS A 155 10.23 31.55 -31.48
C CYS A 155 10.78 30.30 -32.20
N ASN A 156 10.96 29.20 -31.47
CA ASN A 156 11.51 27.99 -32.10
C ASN A 156 10.45 27.16 -32.82
N ILE A 157 9.18 27.38 -32.47
CA ILE A 157 8.09 26.60 -33.06
C ILE A 157 7.27 27.45 -34.03
N ALA A 158 7.51 28.75 -34.00
CA ALA A 158 6.87 29.67 -34.95
C ALA A 158 7.91 30.66 -35.45
N PRO A 159 9.01 30.16 -36.04
CA PRO A 159 10.12 31.06 -36.39
C PRO A 159 9.64 32.07 -37.42
N GLU A 160 10.18 33.28 -37.39
CA GLU A 160 9.77 34.29 -38.37
C GLU A 160 8.27 34.62 -38.30
N ARG A 161 7.63 34.22 -37.21
CA ARG A 161 6.36 34.81 -36.85
C ARG A 161 6.50 35.40 -35.44
N LYS A 162 7.16 34.63 -34.56
CA LYS A 162 7.31 35.01 -33.15
C LYS A 162 8.76 35.13 -32.75
N THR A 163 9.06 36.06 -31.86
CA THR A 163 10.43 36.20 -31.35
C THR A 163 10.59 35.85 -29.88
N ASP A 164 9.47 35.76 -29.16
CA ASP A 164 9.52 35.45 -27.73
C ASP A 164 10.00 34.01 -27.50
N PRO A 165 10.76 33.76 -26.42
CA PRO A 165 11.13 34.70 -25.36
C PRO A 165 12.42 35.49 -25.65
N GLY A 166 12.96 35.36 -26.85
CA GLY A 166 14.08 36.18 -27.30
C GLY A 166 15.44 35.85 -26.73
N PRO A 167 16.46 36.60 -27.18
CA PRO A 167 17.85 36.39 -26.76
C PRO A 167 18.02 36.58 -25.28
N SER A 168 17.17 37.41 -24.68
CA SER A 168 17.23 37.69 -23.25
C SER A 168 16.97 36.46 -22.39
N PHE A 169 16.32 35.43 -22.94
CA PHE A 169 16.04 34.24 -22.12
C PHE A 169 17.24 33.30 -22.07
N ASP A 170 17.80 33.16 -20.87
CA ASP A 170 19.07 32.46 -20.68
C ASP A 170 18.79 30.98 -20.46
N TRP A 171 18.79 30.24 -21.56
CA TRP A 171 18.52 28.80 -21.53
C TRP A 171 19.47 28.04 -20.62
N ALA A 172 20.71 28.51 -20.53
CA ALA A 172 21.71 27.82 -19.72
C ALA A 172 21.32 27.89 -18.25
N ARG A 173 21.00 29.09 -17.79
CA ARG A 173 20.66 29.26 -16.39
C ARG A 173 19.40 28.47 -16.05
N PHE A 174 18.41 28.58 -16.93
CA PHE A 174 17.15 27.86 -16.75
C PHE A 174 17.32 26.35 -16.65
N ARG A 175 18.02 25.78 -17.64
CA ARG A 175 18.19 24.33 -17.70
C ARG A 175 18.94 23.81 -16.48
N ALA A 176 19.95 24.56 -16.06
CA ALA A 176 20.69 24.25 -14.84
C ALA A 176 19.79 24.11 -13.59
N LEU A 177 18.68 24.85 -13.56
CA LEU A 177 17.76 24.80 -12.42
C LEU A 177 16.77 23.66 -12.50
N VAL A 178 16.67 23.03 -13.66
CA VAL A 178 15.61 22.04 -13.88
C VAL A 178 16.01 20.60 -13.59
N THR A 179 15.16 19.94 -12.80
CA THR A 179 15.26 18.51 -12.51
C THR A 179 16.70 18.03 -12.42
N MET B 1 -8.86 14.11 -13.60
CA MET B 1 -8.00 13.56 -12.55
C MET B 1 -7.81 12.07 -12.81
N LEU B 2 -6.71 11.71 -13.46
CA LEU B 2 -6.70 10.44 -14.16
C LEU B 2 -5.83 9.32 -13.63
N LEU B 3 -6.06 8.15 -14.20
CA LEU B 3 -5.36 6.92 -13.87
C LEU B 3 -4.46 6.53 -15.02
N ASP B 4 -3.34 5.90 -14.69
CA ASP B 4 -2.36 5.52 -15.69
C ASP B 4 -1.96 4.10 -15.37
N GLU B 5 -2.64 3.14 -16.00
CA GLU B 5 -2.35 1.73 -15.82
C GLU B 5 -2.29 1.29 -14.35
N GLY B 6 -3.30 1.65 -13.57
CA GLY B 6 -3.36 1.24 -12.18
C GLY B 6 -2.77 2.26 -11.22
N TRP B 7 -2.18 3.32 -11.77
CA TRP B 7 -1.52 4.34 -10.95
C TRP B 7 -2.22 5.69 -11.05
N LEU B 8 -2.47 6.30 -9.90
CA LEU B 8 -2.99 7.66 -9.87
C LEU B 8 -1.89 8.58 -10.43
N ALA B 9 -2.20 9.31 -11.48
CA ALA B 9 -1.18 10.09 -12.19
C ALA B 9 -0.47 11.10 -11.31
N GLU B 10 -1.20 11.68 -10.35
CA GLU B 10 -0.63 12.71 -9.48
C GLU B 10 0.10 12.18 -8.26
N ALA B 11 -0.06 10.90 -7.96
CA ALA B 11 0.52 10.33 -6.75
C ALA B 11 2.05 10.26 -6.84
N ARG B 12 2.71 10.47 -5.71
CA ARG B 12 4.13 10.14 -5.62
C ARG B 12 4.20 8.61 -5.55
N ARG B 13 4.93 8.01 -6.49
CA ARG B 13 5.04 6.56 -6.55
C ARG B 13 6.18 6.02 -5.68
N VAL B 14 5.82 5.13 -4.77
CA VAL B 14 6.78 4.40 -3.95
C VAL B 14 6.44 2.92 -4.09
N PRO B 15 6.85 2.31 -5.23
CA PRO B 15 6.47 0.93 -5.54
C PRO B 15 6.96 -0.04 -4.47
N SER B 16 6.04 -0.80 -3.91
CA SER B 16 6.36 -1.72 -2.84
C SER B 16 6.38 -3.13 -3.38
N PRO B 17 7.31 -3.95 -2.90
CA PRO B 17 7.34 -5.38 -3.19
C PRO B 17 6.15 -6.13 -2.57
N HIS B 18 5.44 -5.48 -1.64
CA HIS B 18 4.37 -6.17 -0.91
C HIS B 18 3.03 -6.13 -1.67
N TYR B 19 2.96 -6.82 -2.79
CA TYR B 19 1.67 -7.00 -3.43
C TYR B 19 1.67 -8.25 -4.29
N ASP B 20 0.48 -8.75 -4.58
CA ASP B 20 0.34 -9.90 -5.46
C ASP B 20 -0.92 -9.73 -6.31
N CYS B 21 -1.39 -10.79 -6.93
CA CYS B 21 -2.55 -10.68 -7.82
C CYS B 21 -3.89 -10.75 -7.10
N ARG B 22 -4.87 -10.02 -7.61
CA ARG B 22 -6.25 -10.25 -7.22
C ARG B 22 -6.73 -11.55 -7.85
N PRO B 23 -7.31 -12.45 -7.05
CA PRO B 23 -7.87 -13.67 -7.62
C PRO B 23 -8.83 -13.38 -8.79
N ASP B 24 -8.71 -14.19 -9.84
CA ASP B 24 -9.60 -14.12 -11.01
C ASP B 24 -9.46 -12.82 -11.77
N ASP B 25 -8.41 -12.07 -11.47
CA ASP B 25 -8.20 -10.77 -12.12
C ASP B 25 -9.35 -9.80 -11.82
N GLU B 26 -10.01 -9.98 -10.68
CA GLU B 26 -11.22 -9.24 -10.39
C GLU B 26 -10.99 -7.75 -10.26
N ASN B 27 -11.90 -6.95 -10.83
CA ASN B 27 -11.89 -5.51 -10.64
C ASN B 27 -12.32 -5.20 -9.21
N PRO B 28 -11.55 -4.37 -8.48
CA PRO B 28 -11.96 -3.99 -7.11
C PRO B 28 -13.30 -3.26 -7.14
N SER B 29 -14.13 -3.51 -6.12
CA SER B 29 -15.42 -2.84 -6.01
C SER B 29 -15.63 -2.19 -4.64
N LEU B 30 -14.66 -2.33 -3.74
CA LEU B 30 -14.78 -1.78 -2.38
C LEU B 30 -13.60 -0.89 -2.02
N LEU B 31 -13.89 0.27 -1.45
CA LEU B 31 -12.89 1.17 -0.93
C LEU B 31 -12.88 0.98 0.59
N VAL B 32 -11.71 0.70 1.16
CA VAL B 32 -11.60 0.57 2.60
C VAL B 32 -10.74 1.68 3.13
N VAL B 33 -11.32 2.52 4.00
CA VAL B 33 -10.58 3.64 4.59
C VAL B 33 -9.88 3.22 5.89
N HIS B 34 -8.59 3.50 5.99
CA HIS B 34 -7.78 3.15 7.16
C HIS B 34 -7.19 4.42 7.78
N ASN B 35 -6.67 4.31 9.00
CA ASN B 35 -5.69 5.31 9.43
C ASN B 35 -4.41 4.64 9.91
N ILE B 36 -3.35 5.40 10.02
CA ILE B 36 -2.09 4.86 10.48
C ILE B 36 -1.19 6.00 10.97
N SER B 37 -0.34 5.69 11.96
CA SER B 37 0.66 6.65 12.42
C SER B 37 1.79 5.89 13.10
N LEU B 38 3.02 6.22 12.73
CA LEU B 38 4.20 5.53 13.24
C LEU B 38 5.23 6.57 13.63
N PRO B 39 5.70 6.53 14.88
CA PRO B 39 5.17 5.68 15.95
C PRO B 39 3.75 6.13 16.27
N PRO B 40 2.97 5.32 17.00
CA PRO B 40 1.56 5.66 17.24
C PRO B 40 1.38 7.09 17.74
N GLY B 41 0.45 7.81 17.13
CA GLY B 41 0.17 9.17 17.54
C GLY B 41 1.06 10.23 16.93
N GLU B 42 2.08 9.81 16.18
CA GLU B 42 3.06 10.75 15.64
C GLU B 42 3.00 10.80 14.13
N PHE B 43 3.20 11.97 13.55
CA PHE B 43 3.07 12.15 12.10
C PHE B 43 4.36 12.60 11.44
N GLY B 44 4.48 12.32 10.15
CA GLY B 44 5.53 12.91 9.33
C GLY B 44 6.75 12.05 9.07
N GLY B 45 6.88 10.92 9.75
CA GLY B 45 8.07 10.10 9.55
C GLY B 45 8.16 9.47 8.17
N PRO B 46 9.30 8.84 7.87
CA PRO B 46 9.41 7.97 6.70
C PRO B 46 8.94 6.57 7.06
N TRP B 47 8.46 6.41 8.29
CA TRP B 47 8.19 5.07 8.81
C TRP B 47 7.04 4.34 8.11
N ILE B 48 6.01 5.06 7.71
CA ILE B 48 4.91 4.42 6.98
C ILE B 48 5.41 3.84 5.66
N ASP B 49 6.19 4.61 4.91
CA ASP B 49 6.79 4.12 3.66
C ASP B 49 7.61 2.86 3.94
N ALA B 50 8.40 2.89 5.01
CA ALA B 50 9.24 1.76 5.34
C ALA B 50 8.40 0.53 5.67
N LEU B 51 7.36 0.71 6.47
CA LEU B 51 6.46 -0.39 6.79
C LEU B 51 5.86 -1.01 5.54
N PHE B 52 5.32 -0.18 4.66
CA PHE B 52 4.56 -0.72 3.54
C PHE B 52 5.45 -1.28 2.44
N THR B 53 6.76 -1.02 2.52
CA THR B 53 7.69 -1.56 1.52
C THR B 53 8.53 -2.69 2.12
N GLY B 54 8.27 -3.01 3.37
CA GLY B 54 8.97 -4.09 4.06
C GLY B 54 10.38 -3.78 4.51
N THR B 55 10.69 -2.49 4.68
CA THR B 55 12.07 -2.12 5.02
C THR B 55 12.28 -1.50 6.40
N ILE B 56 11.26 -1.54 7.24
CA ILE B 56 11.31 -0.77 8.49
C ILE B 56 12.42 -1.25 9.42
N ASP B 57 13.09 -0.30 10.06
CA ASP B 57 14.13 -0.60 11.04
C ASP B 57 13.49 -0.94 12.38
N PRO B 58 13.57 -2.21 12.79
CA PRO B 58 12.91 -2.63 14.03
C PRO B 58 13.47 -1.94 15.27
N ASN B 59 14.70 -1.41 15.20
CA ASN B 59 15.34 -0.80 16.36
C ASN B 59 15.16 0.71 16.48
N ALA B 60 14.49 1.32 15.49
CA ALA B 60 14.42 2.77 15.41
C ALA B 60 13.53 3.39 16.49
N HIS B 61 12.49 2.66 16.86
CA HIS B 61 11.60 3.03 17.96
C HIS B 61 11.07 1.71 18.54
N PRO B 62 10.81 1.67 19.85
CA PRO B 62 10.40 0.38 20.45
C PRO B 62 9.17 -0.24 19.78
N TYR B 63 8.26 0.59 19.27
CA TYR B 63 7.03 0.08 18.68
C TYR B 63 7.31 -0.76 17.44
N PHE B 64 8.41 -0.45 16.77
CA PHE B 64 8.73 -1.07 15.49
C PHE B 64 9.13 -2.54 15.62
N ALA B 65 9.70 -2.89 16.78
CA ALA B 65 10.13 -4.26 17.00
C ALA B 65 8.99 -5.25 16.80
N GLY B 66 7.82 -4.92 17.32
CA GLY B 66 6.66 -5.80 17.24
C GLY B 66 5.91 -5.83 15.92
N ILE B 67 6.13 -4.85 15.05
CA ILE B 67 5.45 -4.82 13.76
C ILE B 67 6.38 -5.19 12.61
N ALA B 68 7.65 -5.43 12.92
CA ALA B 68 8.60 -5.77 11.88
C ALA B 68 8.27 -7.13 11.28
N HIS B 69 7.50 -7.94 12.01
CA HIS B 69 7.14 -9.27 11.52
C HIS B 69 6.00 -9.20 10.52
N LEU B 70 5.34 -8.04 10.48
CA LEU B 70 4.18 -7.84 9.60
C LEU B 70 4.58 -7.82 8.12
N ARG B 71 3.69 -8.31 7.27
CA ARG B 71 3.85 -8.25 5.83
C ARG B 71 2.64 -7.52 5.27
N VAL B 72 2.66 -6.20 5.33
CA VAL B 72 1.48 -5.44 4.95
C VAL B 72 1.78 -4.34 3.93
N SER B 73 0.72 -3.78 3.36
CA SER B 73 0.82 -2.68 2.43
C SER B 73 -0.57 -2.11 2.24
N ALA B 74 -0.67 -0.97 1.56
CA ALA B 74 -1.95 -0.38 1.15
C ALA B 74 -1.74 0.17 -0.23
N HIS B 75 -2.82 0.50 -0.91
CA HIS B 75 -2.66 1.11 -2.21
C HIS B 75 -2.11 2.53 -2.09
N CYS B 76 -2.71 3.32 -1.19
CA CYS B 76 -2.26 4.70 -1.00
C CYS B 76 -2.18 5.13 0.46
N LEU B 77 -1.30 6.09 0.71
CA LEU B 77 -1.27 6.84 1.93
C LEU B 77 -1.54 8.30 1.58
N ILE B 78 -2.38 8.95 2.38
CA ILE B 78 -2.62 10.38 2.24
C ILE B 78 -2.11 11.06 3.51
N ARG B 79 -1.02 11.79 3.38
CA ARG B 79 -0.39 12.38 4.56
C ARG B 79 -1.17 13.59 5.09
N ARG B 80 -0.75 14.11 6.24
CA ARG B 80 -1.47 15.20 6.89
C ARG B 80 -1.58 16.39 5.94
N ASP B 81 -0.55 16.65 5.16
CA ASP B 81 -0.57 17.82 4.27
C ASP B 81 -1.26 17.51 2.97
N GLY B 82 -1.84 16.33 2.87
CA GLY B 82 -2.58 15.97 1.68
C GLY B 82 -1.76 15.25 0.62
N GLU B 83 -0.47 15.07 0.85
CA GLU B 83 0.37 14.41 -0.15
C GLU B 83 -0.17 13.01 -0.37
N ILE B 84 -0.37 12.63 -1.63
CA ILE B 84 -0.74 11.27 -2.01
C ILE B 84 0.46 10.43 -2.42
N VAL B 85 0.67 9.33 -1.70
CA VAL B 85 1.73 8.38 -1.98
C VAL B 85 1.06 7.08 -2.42
N GLN B 86 1.51 6.49 -3.53
CA GLN B 86 0.95 5.22 -3.96
C GLN B 86 2.01 4.12 -3.92
N TYR B 87 1.66 2.99 -3.29
CA TYR B 87 2.58 1.87 -3.13
C TYR B 87 2.30 0.74 -4.07
N VAL B 88 1.04 0.58 -4.45
CA VAL B 88 0.58 -0.62 -5.14
C VAL B 88 -0.46 -0.21 -6.20
N PRO B 89 -0.32 -0.74 -7.42
CA PRO B 89 -1.29 -0.40 -8.47
C PRO B 89 -2.68 -0.88 -8.07
N PHE B 90 -3.70 -0.12 -8.42
CA PHE B 90 -5.08 -0.43 -8.04
C PHE B 90 -5.58 -1.80 -8.54
N ASP B 91 -5.06 -2.25 -9.67
CA ASP B 91 -5.45 -3.54 -10.22
C ASP B 91 -4.80 -4.71 -9.47
N LYS B 92 -3.89 -4.41 -8.56
CA LYS B 92 -3.18 -5.45 -7.81
C LYS B 92 -3.67 -5.54 -6.38
N ARG B 93 -3.29 -6.59 -5.69
CA ARG B 93 -3.81 -6.82 -4.35
C ARG B 93 -2.82 -6.33 -3.29
N ALA B 94 -3.20 -5.27 -2.59
CA ALA B 94 -2.43 -4.81 -1.45
C ALA B 94 -2.88 -5.56 -0.19
N TRP B 95 -2.02 -5.55 0.82
CA TRP B 95 -2.24 -6.35 2.01
C TRP B 95 -2.61 -5.44 3.21
N HIS B 96 -3.86 -4.96 3.23
CA HIS B 96 -4.28 -3.91 4.18
C HIS B 96 -5.44 -4.28 5.09
N ALA B 97 -6.27 -5.23 4.68
CA ALA B 97 -7.52 -5.53 5.38
C ALA B 97 -7.41 -6.67 6.40
N GLY B 98 -6.51 -7.62 6.13
CA GLY B 98 -6.40 -8.79 6.97
C GLY B 98 -7.69 -9.56 7.03
N VAL B 99 -7.86 -10.33 8.09
CA VAL B 99 -9.06 -11.14 8.28
C VAL B 99 -10.25 -10.19 8.34
N SER B 100 -11.21 -10.39 7.45
CA SER B 100 -12.29 -9.41 7.29
C SER B 100 -13.48 -9.96 6.54
N SER B 101 -14.60 -9.24 6.59
CA SER B 101 -15.82 -9.67 5.92
C SER B 101 -16.64 -8.44 5.53
N TYR B 102 -17.19 -8.47 4.33
CA TYR B 102 -18.03 -7.38 3.83
C TYR B 102 -19.20 -7.98 3.06
N GLN B 103 -20.41 -7.80 3.57
CA GLN B 103 -21.61 -8.36 2.95
C GLN B 103 -21.47 -9.85 2.64
N GLY B 104 -20.89 -10.57 3.61
CA GLY B 104 -20.79 -12.02 3.54
C GLY B 104 -19.55 -12.51 2.83
N ARG B 105 -18.78 -11.59 2.26
CA ARG B 105 -17.58 -12.00 1.56
C ARG B 105 -16.31 -11.76 2.39
N GLU B 106 -15.54 -12.83 2.58
CA GLU B 106 -14.31 -12.72 3.34
C GLU B 106 -13.10 -12.30 2.48
N ARG B 107 -11.94 -12.16 3.13
CA ARG B 107 -10.69 -11.79 2.48
C ARG B 107 -10.85 -10.54 1.62
N CYS B 108 -11.24 -9.45 2.26
CA CYS B 108 -11.54 -8.19 1.57
C CYS B 108 -10.38 -7.62 0.76
N ASN B 109 -9.14 -8.04 1.04
CA ASN B 109 -8.00 -7.62 0.22
C ASN B 109 -8.27 -7.92 -1.25
N ASP B 110 -8.86 -9.09 -1.50
CA ASP B 110 -9.09 -9.54 -2.87
C ASP B 110 -9.77 -8.50 -3.75
N PHE B 111 -10.83 -7.87 -3.23
CA PHE B 111 -11.69 -7.04 -4.06
C PHE B 111 -11.77 -5.59 -3.61
N SER B 112 -10.84 -5.15 -2.79
CA SER B 112 -10.88 -3.78 -2.27
C SER B 112 -9.62 -2.98 -2.59
N ILE B 113 -9.76 -1.66 -2.49
CA ILE B 113 -8.63 -0.76 -2.56
C ILE B 113 -8.49 -0.17 -1.17
N GLY B 114 -7.28 -0.18 -0.62
CA GLY B 114 -7.07 0.31 0.73
C GLY B 114 -6.36 1.65 0.70
N ILE B 115 -6.99 2.68 1.27
CA ILE B 115 -6.38 4.00 1.37
C ILE B 115 -6.22 4.38 2.83
N GLU B 116 -4.99 4.69 3.20
CA GLU B 116 -4.65 5.05 4.57
C GLU B 116 -4.61 6.55 4.74
N LEU B 117 -5.24 7.05 5.79
CA LEU B 117 -5.05 8.45 6.12
C LEU B 117 -4.09 8.53 7.30
N GLU B 118 -3.04 9.33 7.17
CA GLU B 118 -2.17 9.54 8.32
C GLU B 118 -2.99 10.21 9.42
N GLY B 119 -3.06 9.61 10.60
CA GLY B 119 -3.91 10.14 11.64
C GLY B 119 -4.30 9.10 12.67
N THR B 120 -5.24 9.46 13.54
CA THR B 120 -5.65 8.57 14.62
C THR B 120 -7.16 8.54 14.74
N ASP B 121 -7.67 7.66 15.59
CA ASP B 121 -9.10 7.51 15.76
C ASP B 121 -9.81 8.74 16.34
N THR B 122 -9.07 9.57 17.07
CA THR B 122 -9.70 10.59 17.91
C THR B 122 -9.31 12.01 17.49
N LEU B 123 -8.38 12.13 16.57
CA LEU B 123 -7.93 13.43 16.12
C LEU B 123 -8.55 13.73 14.77
N ALA B 124 -8.96 14.97 14.55
CA ALA B 124 -9.56 15.34 13.29
C ALA B 124 -8.53 15.20 12.18
N TYR B 125 -8.96 14.69 11.04
CA TYR B 125 -8.12 14.67 9.86
C TYR B 125 -8.14 16.09 9.28
N THR B 126 -7.21 16.40 8.39
CA THR B 126 -7.09 17.76 7.86
C THR B 126 -8.00 18.02 6.67
N ASP B 127 -8.21 19.30 6.36
CA ASP B 127 -9.02 19.67 5.20
C ASP B 127 -8.39 19.07 3.96
N ALA B 128 -7.07 19.11 3.88
CA ALA B 128 -6.34 18.60 2.73
C ALA B 128 -6.60 17.11 2.56
N GLN B 129 -6.60 16.38 3.67
CA GLN B 129 -6.85 14.95 3.59
C GLN B 129 -8.23 14.66 3.02
N TYR B 130 -9.24 15.38 3.47
CA TYR B 130 -10.60 15.18 2.95
C TYR B 130 -10.67 15.47 1.44
N GLN B 131 -10.09 16.58 1.02
CA GLN B 131 -10.14 16.95 -0.40
C GLN B 131 -9.41 15.92 -1.23
N GLN B 132 -8.26 15.48 -0.73
CA GLN B 132 -7.42 14.57 -1.51
C GLN B 132 -7.99 13.16 -1.56
N LEU B 133 -8.55 12.69 -0.45
CA LEU B 133 -9.23 11.39 -0.45
C LEU B 133 -10.37 11.43 -1.45
N ALA B 134 -11.10 12.55 -1.48
CA ALA B 134 -12.20 12.70 -2.41
C ALA B 134 -11.72 12.65 -3.86
N ALA B 135 -10.58 13.30 -4.13
CA ALA B 135 -10.02 13.35 -5.47
C ALA B 135 -9.60 11.95 -5.93
N VAL B 136 -9.00 11.18 -5.03
CA VAL B 136 -8.63 9.82 -5.35
C VAL B 136 -9.87 8.95 -5.58
N THR B 137 -10.82 9.02 -4.67
CA THR B 137 -12.06 8.27 -4.77
C THR B 137 -12.82 8.58 -6.07
N ASN B 138 -12.93 9.86 -6.41
CA ASN B 138 -13.64 10.25 -7.62
C ASN B 138 -12.95 9.63 -8.83
N ALA B 139 -11.62 9.68 -8.85
CA ALA B 139 -10.88 9.06 -9.94
C ALA B 139 -11.12 7.54 -9.99
N LEU B 140 -11.10 6.91 -8.83
CA LEU B 140 -11.37 5.48 -8.76
C LEU B 140 -12.77 5.13 -9.28
N ILE B 141 -13.75 5.92 -8.89
CA ILE B 141 -15.14 5.63 -9.26
C ILE B 141 -15.33 5.69 -10.77
N THR B 142 -14.60 6.58 -11.42
CA THR B 142 -14.68 6.70 -12.86
C THR B 142 -14.30 5.38 -13.52
N ARG B 143 -13.30 4.70 -12.96
CA ARG B 143 -12.87 3.40 -13.48
C ARG B 143 -13.66 2.23 -12.90
N TYR B 144 -14.03 2.35 -11.63
CA TYR B 144 -14.69 1.27 -10.92
C TYR B 144 -15.96 1.81 -10.28
N PRO B 145 -17.03 1.97 -11.08
CA PRO B 145 -18.24 2.63 -10.58
C PRO B 145 -18.83 1.94 -9.37
N ALA B 146 -18.60 0.64 -9.20
CA ALA B 146 -19.14 -0.07 -8.04
C ALA B 146 -18.67 0.55 -6.74
N ILE B 147 -17.52 1.21 -6.76
CA ILE B 147 -16.96 1.76 -5.54
C ILE B 147 -17.83 2.86 -4.93
N ALA B 148 -18.55 3.59 -5.78
CA ALA B 148 -19.45 4.63 -5.31
C ALA B 148 -20.46 4.08 -4.29
N ASN B 149 -20.80 2.81 -4.45
CA ASN B 149 -21.78 2.15 -3.59
C ASN B 149 -21.16 1.34 -2.46
N ASN B 150 -19.84 1.34 -2.39
CA ASN B 150 -19.15 0.48 -1.44
C ASN B 150 -17.97 1.22 -0.86
N MET B 151 -18.21 2.06 0.14
CA MET B 151 -17.12 2.75 0.82
C MET B 151 -17.28 2.52 2.31
N THR B 152 -16.21 2.07 2.96
CA THR B 152 -16.35 1.56 4.30
C THR B 152 -15.07 1.77 5.09
N GLY B 153 -15.15 1.63 6.41
CA GLY B 153 -13.98 1.75 7.24
C GLY B 153 -13.43 0.37 7.57
N HIS B 154 -12.13 0.29 7.84
CA HIS B 154 -11.56 -0.99 8.26
C HIS B 154 -12.37 -1.51 9.46
N CYS B 155 -12.79 -0.60 10.35
CA CYS B 155 -13.51 -1.00 11.56
C CYS B 155 -14.83 -1.68 11.22
N ASN B 156 -15.35 -1.40 10.02
CA ASN B 156 -16.63 -1.99 9.62
C ASN B 156 -16.51 -3.39 9.03
N ILE B 157 -15.35 -3.73 8.49
CA ILE B 157 -15.16 -5.07 7.94
C ILE B 157 -14.34 -5.96 8.87
N ALA B 158 -13.76 -5.36 9.90
CA ALA B 158 -13.07 -6.13 10.95
C ALA B 158 -13.47 -5.62 12.31
N PRO B 159 -14.78 -5.63 12.60
CA PRO B 159 -15.23 -5.11 13.90
C PRO B 159 -14.59 -5.90 15.04
N GLU B 160 -14.34 -5.26 16.17
CA GLU B 160 -13.72 -5.93 17.32
C GLU B 160 -12.33 -6.49 17.04
N ARG B 161 -11.77 -6.15 15.88
CA ARG B 161 -10.34 -6.33 15.69
C ARG B 161 -9.72 -4.96 15.40
N LYS B 162 -10.41 -4.16 14.58
CA LYS B 162 -9.89 -2.88 14.14
C LYS B 162 -10.85 -1.73 14.45
N THR B 163 -10.28 -0.56 14.73
CA THR B 163 -11.07 0.62 15.04
C THR B 163 -10.87 1.74 14.01
N ASP B 164 -9.83 1.62 13.19
CA ASP B 164 -9.58 2.63 12.15
C ASP B 164 -10.67 2.63 11.07
N PRO B 165 -11.05 3.81 10.53
CA PRO B 165 -10.48 5.14 10.74
C PRO B 165 -11.06 5.90 11.94
N GLY B 166 -11.92 5.25 12.72
CA GLY B 166 -12.35 5.81 13.98
C GLY B 166 -13.43 6.86 13.87
N PRO B 167 -13.98 7.26 15.03
CA PRO B 167 -15.05 8.26 15.08
C PRO B 167 -14.62 9.58 14.46
N SER B 168 -13.32 9.87 14.46
CA SER B 168 -12.82 11.12 13.90
C SER B 168 -13.04 11.25 12.39
N PHE B 169 -13.24 10.12 11.71
CA PHE B 169 -13.45 10.19 10.26
C PHE B 169 -14.86 10.67 9.91
N ASP B 170 -14.97 11.91 9.48
CA ASP B 170 -16.27 12.50 9.14
C ASP B 170 -16.81 12.02 7.79
N TRP B 171 -17.62 10.97 7.83
CA TRP B 171 -18.19 10.39 6.61
C TRP B 171 -19.00 11.42 5.85
N ALA B 172 -19.67 12.29 6.58
CA ALA B 172 -20.52 13.28 5.94
C ALA B 172 -19.66 14.24 5.12
N ARG B 173 -18.59 14.74 5.73
CA ARG B 173 -17.68 15.63 5.03
C ARG B 173 -17.11 15.00 3.75
N PHE B 174 -16.65 13.75 3.91
CA PHE B 174 -16.09 12.98 2.80
C PHE B 174 -17.09 12.79 1.67
N ARG B 175 -18.28 12.31 2.01
CA ARG B 175 -19.31 12.01 1.01
C ARG B 175 -19.75 13.25 0.24
N ALA B 176 -19.75 14.40 0.90
CA ALA B 176 -20.16 15.65 0.24
C ALA B 176 -19.20 16.02 -0.90
N LEU B 177 -17.99 15.47 -0.86
CA LEU B 177 -16.95 15.78 -1.85
C LEU B 177 -16.88 14.74 -2.97
N VAL B 178 -17.61 13.64 -2.78
CA VAL B 178 -17.61 12.55 -3.75
C VAL B 178 -18.73 12.68 -4.77
N THR B 179 -18.51 12.13 -5.96
CA THR B 179 -19.48 12.11 -7.07
C THR B 179 -20.19 13.43 -7.24
N PRO B 180 -19.46 14.42 -7.76
CA PRO B 180 -19.93 15.78 -7.94
C PRO B 180 -20.52 16.08 -9.33
N SER B 181 -20.25 15.26 -10.33
CA SER B 181 -20.78 15.51 -11.68
C SER B 181 -21.74 14.41 -12.15
N MET C 1 -5.64 -46.22 10.81
CA MET C 1 -4.26 -46.67 10.67
C MET C 1 -3.85 -47.53 11.86
N LEU C 2 -2.83 -48.35 11.68
CA LEU C 2 -2.33 -49.12 12.82
C LEU C 2 -0.86 -48.88 13.09
N LEU C 3 -0.45 -49.09 14.33
CA LEU C 3 0.94 -48.94 14.71
C LEU C 3 1.75 -50.14 14.35
N ASP C 4 3.03 -49.90 14.08
CA ASP C 4 3.99 -50.96 13.90
C ASP C 4 5.18 -50.64 14.79
N GLU C 5 5.15 -51.21 16.00
CA GLU C 5 6.27 -51.07 16.93
C GLU C 5 6.66 -49.62 17.19
N GLY C 6 5.67 -48.79 17.50
CA GLY C 6 5.95 -47.40 17.84
C GLY C 6 5.83 -46.45 16.66
N TRP C 7 5.67 -47.00 15.47
CA TRP C 7 5.55 -46.19 14.26
C TRP C 7 4.21 -46.35 13.55
N LEU C 8 3.65 -45.21 13.12
CA LEU C 8 2.45 -45.20 12.30
C LEU C 8 2.77 -45.69 10.90
N ALA C 9 1.97 -46.63 10.41
CA ALA C 9 2.16 -47.21 9.07
C ALA C 9 2.18 -46.17 7.96
N GLU C 10 1.30 -45.18 8.07
CA GLU C 10 1.05 -44.21 7.00
C GLU C 10 2.04 -43.02 6.99
N ALA C 11 2.75 -42.81 8.09
CA ALA C 11 3.51 -41.58 8.28
C ALA C 11 4.81 -41.52 7.47
N ARG C 12 5.18 -40.32 7.05
CA ARG C 12 6.51 -40.11 6.49
C ARG C 12 7.48 -40.03 7.66
N ARG C 13 8.45 -40.94 7.70
CA ARG C 13 9.38 -40.99 8.83
C ARG C 13 10.54 -39.98 8.69
N VAL C 14 10.74 -39.19 9.73
CA VAL C 14 11.89 -38.28 9.80
C VAL C 14 12.72 -38.67 11.03
N PRO C 15 13.93 -39.20 10.79
CA PRO C 15 14.73 -39.76 11.90
C PRO C 15 15.36 -38.67 12.77
N SER C 16 14.57 -38.14 13.71
CA SER C 16 15.11 -37.15 14.64
C SER C 16 16.02 -37.80 15.68
N PRO C 17 17.14 -37.14 16.01
CA PRO C 17 17.96 -37.57 17.14
C PRO C 17 17.39 -37.10 18.47
N HIS C 18 16.35 -36.27 18.43
CA HIS C 18 15.80 -35.64 19.64
C HIS C 18 14.80 -36.53 20.35
N TYR C 19 15.25 -37.70 20.80
CA TYR C 19 14.42 -38.51 21.67
C TYR C 19 15.24 -39.35 22.63
N ASP C 20 14.62 -39.78 23.73
CA ASP C 20 15.30 -40.64 24.68
C ASP C 20 14.33 -41.53 25.42
N CYS C 21 14.79 -42.19 26.47
CA CYS C 21 13.95 -43.14 27.20
C CYS C 21 12.97 -42.46 28.13
N ARG C 22 11.73 -42.94 28.12
CA ARG C 22 10.78 -42.60 29.19
C ARG C 22 11.28 -43.28 30.46
N PRO C 23 11.31 -42.54 31.60
CA PRO C 23 11.76 -43.10 32.88
C PRO C 23 10.87 -44.23 33.36
N ASP C 24 11.45 -45.18 34.12
CA ASP C 24 10.68 -46.25 34.73
C ASP C 24 9.91 -47.03 33.67
N ASP C 25 10.55 -47.19 32.51
CA ASP C 25 9.90 -47.66 31.28
C ASP C 25 8.39 -47.49 31.26
N GLU C 26 7.95 -46.28 31.56
CA GLU C 26 6.52 -45.99 31.60
C GLU C 26 5.93 -45.95 30.20
N ASN C 27 4.80 -46.61 30.01
CA ASN C 27 4.02 -46.42 28.79
C ASN C 27 3.29 -45.08 28.88
N PRO C 28 3.20 -44.36 27.76
CA PRO C 28 2.50 -43.07 27.72
C PRO C 28 1.02 -43.24 28.02
N SER C 29 0.42 -42.28 28.73
CA SER C 29 -0.99 -42.36 29.06
C SER C 29 -1.70 -41.05 28.75
N LEU C 30 -0.97 -40.09 28.20
CA LEU C 30 -1.51 -38.76 27.95
C LEU C 30 -1.17 -38.26 26.55
N LEU C 31 -2.15 -37.69 25.85
CA LEU C 31 -1.91 -37.08 24.54
C LEU C 31 -1.88 -35.58 24.75
N VAL C 32 -0.83 -34.91 24.28
CA VAL C 32 -0.76 -33.45 24.34
C VAL C 32 -0.85 -32.90 22.92
N VAL C 33 -1.81 -32.02 22.68
CA VAL C 33 -2.04 -31.45 21.36
C VAL C 33 -1.35 -30.10 21.31
N HIS C 34 -0.56 -29.89 20.25
CA HIS C 34 0.22 -28.67 20.03
C HIS C 34 -0.12 -28.08 18.68
N ASN C 35 0.26 -26.80 18.46
CA ASN C 35 0.34 -26.29 17.09
C ASN C 35 1.69 -25.63 16.84
N ILE C 36 2.05 -25.53 15.57
CA ILE C 36 3.31 -24.98 15.15
C ILE C 36 3.20 -24.52 13.71
N SER C 37 3.92 -23.44 13.39
CA SER C 37 4.10 -23.02 12.02
C SER C 37 5.41 -22.26 11.93
N LEU C 38 6.19 -22.52 10.88
CA LEU C 38 7.50 -21.87 10.69
C LEU C 38 7.74 -21.57 9.21
N PRO C 39 8.02 -20.30 8.90
CA PRO C 39 7.95 -19.20 9.88
C PRO C 39 6.52 -19.03 10.41
N PRO C 40 6.36 -18.31 11.51
CA PRO C 40 5.02 -18.23 12.14
C PRO C 40 3.95 -17.75 11.15
N GLY C 41 2.85 -18.49 11.05
CA GLY C 41 1.78 -18.14 10.15
C GLY C 41 1.89 -18.68 8.73
N GLU C 42 3.02 -19.30 8.40
CA GLU C 42 3.23 -19.85 7.06
C GLU C 42 3.28 -21.37 7.09
N PHE C 43 2.79 -22.03 6.05
CA PHE C 43 2.68 -23.49 6.06
C PHE C 43 3.38 -24.15 4.87
N GLY C 44 3.75 -25.42 5.05
CA GLY C 44 4.27 -26.22 3.96
C GLY C 44 5.77 -26.37 3.91
N GLY C 45 6.49 -25.51 4.63
CA GLY C 45 7.94 -25.50 4.53
C GLY C 45 8.67 -26.63 5.24
N PRO C 46 9.98 -26.74 5.00
CA PRO C 46 10.85 -27.76 5.59
C PRO C 46 11.29 -27.44 7.01
N TRP C 47 10.85 -26.30 7.55
CA TRP C 47 11.42 -25.77 8.78
C TRP C 47 10.99 -26.52 10.06
N ILE C 48 9.77 -27.04 10.09
CA ILE C 48 9.35 -27.84 11.24
C ILE C 48 10.19 -29.12 11.35
N ASP C 49 10.39 -29.79 10.21
CA ASP C 49 11.28 -30.94 10.18
C ASP C 49 12.67 -30.55 10.72
N ALA C 50 13.21 -29.43 10.25
CA ALA C 50 14.55 -29.00 10.68
C ALA C 50 14.64 -28.75 12.19
N LEU C 51 13.64 -28.05 12.73
CA LEU C 51 13.62 -27.79 14.18
C LEU C 51 13.60 -29.09 14.99
N PHE C 52 12.66 -29.96 14.66
CA PHE C 52 12.50 -31.21 15.41
C PHE C 52 13.68 -32.17 15.22
N THR C 53 14.48 -32.00 14.17
CA THR C 53 15.70 -32.81 14.02
C THR C 53 16.93 -32.12 14.63
N GLY C 54 16.77 -30.85 15.00
CA GLY C 54 17.83 -30.05 15.56
C GLY C 54 18.80 -29.42 14.57
N THR C 55 18.37 -29.23 13.33
CA THR C 55 19.27 -28.75 12.27
C THR C 55 18.81 -27.42 11.66
N ILE C 56 17.83 -26.79 12.27
CA ILE C 56 17.28 -25.57 11.68
C ILE C 56 18.36 -24.49 11.58
N ASP C 57 18.35 -23.79 10.45
CA ASP C 57 19.26 -22.68 10.19
C ASP C 57 18.75 -21.42 10.87
N PRO C 58 19.45 -20.94 11.92
CA PRO C 58 19.00 -19.74 12.62
C PRO C 58 18.94 -18.48 11.74
N ASN C 59 19.66 -18.48 10.63
CA ASN C 59 19.67 -17.31 9.77
C ASN C 59 18.71 -17.37 8.59
N ALA C 60 17.93 -18.44 8.49
CA ALA C 60 16.96 -18.55 7.39
C ALA C 60 15.77 -17.62 7.59
N HIS C 61 15.49 -17.27 8.84
CA HIS C 61 14.38 -16.36 9.19
C HIS C 61 14.61 -15.78 10.58
N PRO C 62 14.23 -14.51 10.79
CA PRO C 62 14.49 -13.85 12.08
C PRO C 62 13.94 -14.68 13.25
N TYR C 63 12.76 -15.23 13.08
CA TYR C 63 12.13 -16.03 14.12
C TYR C 63 12.98 -17.26 14.47
N PHE C 64 13.68 -17.81 13.51
CA PHE C 64 14.47 -19.02 13.77
C PHE C 64 15.63 -18.74 14.72
N ALA C 65 16.14 -17.52 14.70
CA ALA C 65 17.27 -17.17 15.55
C ALA C 65 16.88 -17.39 17.02
N GLY C 66 15.65 -17.03 17.36
CA GLY C 66 15.17 -17.14 18.71
C GLY C 66 14.99 -18.56 19.21
N ILE C 67 14.75 -19.50 18.31
CA ILE C 67 14.44 -20.88 18.70
C ILE C 67 15.54 -21.89 18.37
N ALA C 68 16.62 -21.42 17.77
CA ALA C 68 17.72 -22.28 17.36
C ALA C 68 18.46 -22.92 18.54
N HIS C 69 18.28 -22.32 19.71
CA HIS C 69 18.96 -22.76 20.93
C HIS C 69 18.17 -23.87 21.60
N LEU C 70 16.98 -24.15 21.09
CA LEU C 70 16.12 -25.17 21.64
C LEU C 70 16.57 -26.55 21.21
N ARG C 71 16.20 -27.55 22.01
CA ARG C 71 16.35 -28.94 21.63
C ARG C 71 14.98 -29.54 21.87
N VAL C 72 14.16 -29.58 20.83
CA VAL C 72 12.78 -30.05 20.94
C VAL C 72 12.40 -30.99 19.81
N SER C 73 11.23 -31.60 19.96
CA SER C 73 10.68 -32.49 18.97
C SER C 73 9.29 -32.86 19.44
N ALA C 74 8.50 -33.43 18.54
CA ALA C 74 7.23 -34.03 18.91
C ALA C 74 7.21 -35.38 18.23
N HIS C 75 6.28 -36.25 18.61
CA HIS C 75 6.20 -37.55 17.97
C HIS C 75 5.70 -37.42 16.54
N CYS C 76 4.66 -36.61 16.34
CA CYS C 76 4.04 -36.45 15.02
C CYS C 76 3.70 -34.99 14.69
N LEU C 77 3.69 -34.68 13.39
CA LEU C 77 3.13 -33.45 12.86
C LEU C 77 2.07 -33.82 11.83
N ILE C 78 0.91 -33.18 11.93
CA ILE C 78 -0.14 -33.33 10.94
C ILE C 78 -0.25 -32.03 10.16
N ARG C 79 0.13 -32.09 8.89
CA ARG C 79 0.16 -30.90 8.03
C ARG C 79 -1.24 -30.48 7.56
N ARG C 80 -1.34 -29.27 7.02
CA ARG C 80 -2.64 -28.71 6.59
C ARG C 80 -3.39 -29.65 5.66
N ASP C 81 -2.66 -30.34 4.78
CA ASP C 81 -3.27 -31.19 3.77
C ASP C 81 -3.57 -32.60 4.29
N GLY C 82 -3.18 -32.87 5.54
CA GLY C 82 -3.42 -34.16 6.14
C GLY C 82 -2.18 -35.05 6.25
N GLU C 83 -1.08 -34.62 5.63
CA GLU C 83 0.15 -35.40 5.68
C GLU C 83 0.57 -35.65 7.12
N ILE C 84 0.94 -36.89 7.42
CA ILE C 84 1.51 -37.22 8.73
C ILE C 84 3.03 -37.42 8.67
N VAL C 85 3.76 -36.62 9.43
CA VAL C 85 5.20 -36.82 9.59
C VAL C 85 5.46 -37.33 11.01
N GLN C 86 6.21 -38.42 11.15
CA GLN C 86 6.58 -38.91 12.49
C GLN C 86 8.08 -38.78 12.74
N TYR C 87 8.44 -38.28 13.91
CA TYR C 87 9.83 -38.02 14.28
C TYR C 87 10.36 -38.97 15.34
N VAL C 88 9.47 -39.44 16.20
CA VAL C 88 9.86 -40.23 17.38
C VAL C 88 8.85 -41.36 17.58
N PRO C 89 9.36 -42.58 17.83
CA PRO C 89 8.45 -43.70 18.09
C PRO C 89 7.70 -43.45 19.37
N PHE C 90 6.44 -43.89 19.42
CA PHE C 90 5.54 -43.52 20.51
C PHE C 90 5.96 -44.01 21.88
N ASP C 91 6.64 -45.15 21.92
CA ASP C 91 7.13 -45.69 23.19
C ASP C 91 8.29 -44.88 23.75
N LYS C 92 8.89 -44.03 22.91
CA LYS C 92 9.99 -43.21 23.38
C LYS C 92 9.55 -41.78 23.76
N ARG C 93 10.44 -41.07 24.43
CA ARG C 93 10.16 -39.73 24.92
C ARG C 93 10.59 -38.65 23.93
N ALA C 94 9.61 -37.92 23.39
CA ALA C 94 9.86 -36.72 22.58
C ALA C 94 9.95 -35.49 23.49
N TRP C 95 10.59 -34.43 23.02
CA TRP C 95 10.79 -33.25 23.87
C TRP C 95 9.87 -32.08 23.48
N HIS C 96 8.60 -32.17 23.86
CA HIS C 96 7.55 -31.29 23.34
C HIS C 96 6.85 -30.45 24.40
N ALA C 97 6.75 -30.96 25.61
CA ALA C 97 5.95 -30.29 26.64
C ALA C 97 6.71 -29.23 27.45
N GLY C 98 8.03 -29.41 27.60
CA GLY C 98 8.83 -28.52 28.42
C GLY C 98 8.38 -28.54 29.88
N VAL C 99 8.64 -27.45 30.59
CA VAL C 99 8.20 -27.31 31.98
C VAL C 99 6.68 -27.35 32.06
N SER C 100 6.16 -28.38 32.70
CA SER C 100 4.72 -28.62 32.62
C SER C 100 4.25 -29.47 33.78
N SER C 101 2.94 -29.51 33.98
CA SER C 101 2.37 -30.28 35.07
C SER C 101 0.97 -30.76 34.71
N TYR C 102 0.69 -32.02 35.04
CA TYR C 102 -0.60 -32.62 34.75
C TYR C 102 -1.00 -33.50 35.93
N GLN C 103 -2.17 -33.22 36.51
CA GLN C 103 -2.66 -33.98 37.65
C GLN C 103 -1.57 -34.19 38.70
N GLY C 104 -0.89 -33.10 39.08
CA GLY C 104 0.10 -33.10 40.15
C GLY C 104 1.47 -33.62 39.74
N ARG C 105 1.60 -33.98 38.46
CA ARG C 105 2.80 -34.64 37.98
C ARG C 105 3.55 -33.79 36.94
N GLU C 106 4.83 -33.52 37.20
CA GLU C 106 5.60 -32.64 36.32
C GLU C 106 6.36 -33.41 35.24
N ARG C 107 7.05 -32.67 34.37
CA ARG C 107 7.83 -33.29 33.30
C ARG C 107 6.97 -34.17 32.42
N CYS C 108 5.96 -33.57 31.77
CA CYS C 108 4.94 -34.33 31.07
C CYS C 108 5.47 -35.11 29.86
N ASN C 109 6.67 -34.75 29.41
CA ASN C 109 7.33 -35.50 28.34
C ASN C 109 7.39 -36.98 28.69
N ASP C 110 7.75 -37.27 29.94
CA ASP C 110 7.88 -38.65 30.42
C ASP C 110 6.76 -39.59 29.99
N PHE C 111 5.51 -39.14 30.15
CA PHE C 111 4.38 -40.04 30.01
C PHE C 111 3.35 -39.60 28.98
N SER C 112 3.74 -38.70 28.08
CA SER C 112 2.80 -38.23 27.07
C SER C 112 3.30 -38.45 25.66
N ILE C 113 2.38 -38.39 24.71
CA ILE C 113 2.73 -38.35 23.32
C ILE C 113 2.39 -36.96 22.83
N GLY C 114 3.26 -36.35 22.06
CA GLY C 114 3.00 -35.01 21.57
C GLY C 114 2.67 -35.01 20.10
N ILE C 115 1.53 -34.44 19.74
CA ILE C 115 1.16 -34.35 18.32
C ILE C 115 0.97 -32.90 17.92
N GLU C 116 1.67 -32.49 16.87
CA GLU C 116 1.65 -31.11 16.43
C GLU C 116 0.70 -30.93 15.26
N LEU C 117 -0.17 -29.92 15.37
CA LEU C 117 -1.02 -29.52 14.26
C LEU C 117 -0.40 -28.30 13.61
N GLU C 118 -0.05 -28.39 12.32
CA GLU C 118 0.46 -27.24 11.59
C GLU C 118 -0.65 -26.18 11.51
N GLY C 119 -0.40 -25.02 12.13
CA GLY C 119 -1.39 -23.97 12.17
C GLY C 119 -1.08 -22.91 13.22
N THR C 120 -2.08 -22.08 13.54
CA THR C 120 -1.91 -21.04 14.55
C THR C 120 -3.09 -21.05 15.52
N ASP C 121 -2.94 -20.31 16.62
CA ASP C 121 -3.96 -20.22 17.66
C ASP C 121 -5.31 -19.67 17.17
N THR C 122 -5.28 -18.88 16.10
CA THR C 122 -6.46 -18.08 15.74
C THR C 122 -7.02 -18.40 14.37
N LEU C 123 -6.35 -19.29 13.64
CA LEU C 123 -6.84 -19.74 12.35
C LEU C 123 -7.40 -21.15 12.49
N ALA C 124 -8.58 -21.39 11.92
CA ALA C 124 -9.18 -22.72 11.97
C ALA C 124 -8.22 -23.77 11.40
N TYR C 125 -8.22 -24.96 11.99
CA TYR C 125 -7.52 -26.09 11.40
C TYR C 125 -8.39 -26.67 10.28
N THR C 126 -7.77 -27.35 9.33
CA THR C 126 -8.48 -27.86 8.16
C THR C 126 -9.24 -29.15 8.45
N ASP C 127 -10.18 -29.48 7.57
CA ASP C 127 -10.95 -30.72 7.67
C ASP C 127 -10.01 -31.92 7.71
N ALA C 128 -8.99 -31.89 6.86
CA ALA C 128 -8.06 -33.02 6.72
C ALA C 128 -7.29 -33.22 8.02
N GLN C 129 -6.95 -32.13 8.68
CA GLN C 129 -6.27 -32.22 9.98
C GLN C 129 -7.14 -32.84 11.07
N TYR C 130 -8.40 -32.45 11.17
CA TYR C 130 -9.25 -33.06 12.19
C TYR C 130 -9.39 -34.55 11.92
N GLN C 131 -9.55 -34.92 10.65
CA GLN C 131 -9.71 -36.35 10.30
C GLN C 131 -8.47 -37.16 10.69
N GLN C 132 -7.29 -36.66 10.33
CA GLN C 132 -6.06 -37.40 10.56
C GLN C 132 -5.70 -37.40 12.04
N LEU C 133 -6.01 -36.32 12.74
CA LEU C 133 -5.72 -36.26 14.16
C LEU C 133 -6.50 -37.36 14.88
N ALA C 134 -7.78 -37.46 14.56
CA ALA C 134 -8.64 -38.50 15.12
C ALA C 134 -8.11 -39.88 14.76
N ALA C 135 -7.76 -40.07 13.49
CA ALA C 135 -7.21 -41.32 13.00
C ALA C 135 -5.98 -41.77 13.81
N VAL C 136 -5.00 -40.87 13.93
CA VAL C 136 -3.81 -41.12 14.75
C VAL C 136 -4.18 -41.41 16.21
N THR C 137 -5.07 -40.58 16.75
CA THR C 137 -5.50 -40.72 18.14
C THR C 137 -6.16 -42.08 18.39
N ASN C 138 -7.04 -42.49 17.49
CA ASN C 138 -7.72 -43.79 17.61
C ASN C 138 -6.72 -44.95 17.64
N ALA C 139 -5.64 -44.82 16.87
CA ALA C 139 -4.61 -45.85 16.81
C ALA C 139 -3.81 -45.93 18.10
N LEU C 140 -3.54 -44.77 18.70
CA LEU C 140 -2.81 -44.70 19.96
C LEU C 140 -3.58 -45.30 21.14
N ILE C 141 -4.89 -45.00 21.18
CA ILE C 141 -5.77 -45.52 22.21
C ILE C 141 -5.83 -47.04 22.16
N THR C 142 -5.77 -47.58 20.94
CA THR C 142 -5.68 -49.01 20.71
C THR C 142 -4.50 -49.59 21.49
N ARG C 143 -3.35 -48.95 21.37
CA ARG C 143 -2.11 -49.40 22.00
C ARG C 143 -2.00 -48.91 23.45
N TYR C 144 -2.61 -47.76 23.72
CA TYR C 144 -2.52 -47.16 25.04
C TYR C 144 -3.90 -46.68 25.46
N PRO C 145 -4.75 -47.61 25.94
CA PRO C 145 -6.14 -47.32 26.30
C PRO C 145 -6.30 -46.13 27.25
N ALA C 146 -5.30 -45.88 28.10
CA ALA C 146 -5.41 -44.78 29.06
C ALA C 146 -5.57 -43.42 28.38
N ILE C 147 -5.05 -43.30 27.16
CA ILE C 147 -5.11 -42.04 26.40
C ILE C 147 -6.54 -41.58 26.11
N ALA C 148 -7.46 -42.53 25.96
CA ALA C 148 -8.85 -42.20 25.69
C ALA C 148 -9.42 -41.27 26.77
N ASN C 149 -8.88 -41.37 27.98
CA ASN C 149 -9.34 -40.59 29.14
C ASN C 149 -8.44 -39.43 29.48
N ASN C 150 -7.38 -39.27 28.70
CA ASN C 150 -6.35 -38.28 29.01
C ASN C 150 -5.85 -37.57 27.76
N MET C 151 -6.57 -36.56 27.30
CA MET C 151 -6.17 -35.75 26.15
C MET C 151 -6.22 -34.27 26.52
N THR C 152 -5.17 -33.52 26.24
CA THR C 152 -5.09 -32.16 26.73
C THR C 152 -4.39 -31.28 25.71
N GLY C 153 -4.50 -29.96 25.87
CA GLY C 153 -3.71 -29.04 25.06
C GLY C 153 -2.45 -28.65 25.80
N HIS C 154 -1.41 -28.23 25.07
CA HIS C 154 -0.19 -27.76 25.73
C HIS C 154 -0.51 -26.66 26.74
N CYS C 155 -1.48 -25.83 26.37
CA CYS C 155 -1.87 -24.69 27.19
C CYS C 155 -2.44 -25.14 28.52
N ASN C 156 -3.00 -26.34 28.54
CA ASN C 156 -3.56 -26.86 29.78
C ASN C 156 -2.49 -27.34 30.77
N ILE C 157 -1.32 -27.73 30.27
CA ILE C 157 -0.26 -28.25 31.15
C ILE C 157 0.86 -27.25 31.34
N ALA C 158 0.87 -26.18 30.54
CA ALA C 158 1.83 -25.10 30.76
C ALA C 158 1.14 -23.75 30.60
N PRO C 159 0.14 -23.48 31.45
CA PRO C 159 -0.63 -22.23 31.31
C PRO C 159 0.23 -21.00 31.61
N GLU C 160 -0.03 -19.91 30.90
CA GLU C 160 0.79 -18.72 31.07
C GLU C 160 2.26 -18.97 30.69
N ARG C 161 2.50 -20.02 29.93
CA ARG C 161 3.73 -20.12 29.16
C ARG C 161 3.38 -20.46 27.71
N LYS C 162 2.43 -21.39 27.54
CA LYS C 162 2.03 -21.80 26.20
C LYS C 162 0.56 -21.54 25.97
N THR C 163 0.22 -21.23 24.73
CA THR C 163 -1.15 -20.96 24.35
C THR C 163 -1.64 -22.02 23.35
N ASP C 164 -0.72 -22.78 22.77
CA ASP C 164 -1.11 -23.79 21.77
C ASP C 164 -1.94 -24.89 22.44
N PRO C 165 -2.91 -25.48 21.71
CA PRO C 165 -3.29 -25.25 20.31
C PRO C 165 -4.25 -24.10 20.08
N GLY C 166 -4.53 -23.29 21.10
CA GLY C 166 -5.29 -22.06 20.93
C GLY C 166 -6.79 -22.23 20.81
N PRO C 167 -7.52 -21.10 20.86
CA PRO C 167 -8.99 -21.11 20.75
C PRO C 167 -9.50 -21.61 19.39
N SER C 168 -8.62 -21.74 18.41
CA SER C 168 -9.03 -22.27 17.10
C SER C 168 -9.20 -23.79 17.12
N PHE C 169 -8.69 -24.45 18.15
CA PHE C 169 -8.80 -25.89 18.20
C PHE C 169 -10.15 -26.31 18.75
N ASP C 170 -10.96 -26.94 17.90
CA ASP C 170 -12.31 -27.35 18.28
C ASP C 170 -12.33 -28.77 18.83
N TRP C 171 -12.29 -28.89 20.16
CA TRP C 171 -12.22 -30.20 20.79
C TRP C 171 -13.40 -31.08 20.38
N ALA C 172 -14.56 -30.48 20.16
CA ALA C 172 -15.74 -31.24 19.80
C ALA C 172 -15.60 -31.85 18.42
N ARG C 173 -15.07 -31.07 17.49
CA ARG C 173 -14.87 -31.59 16.14
C ARG C 173 -13.93 -32.79 16.20
N PHE C 174 -12.86 -32.63 16.99
CA PHE C 174 -11.87 -33.67 17.21
C PHE C 174 -12.52 -34.91 17.84
N ARG C 175 -13.21 -34.73 18.95
CA ARG C 175 -13.78 -35.85 19.69
C ARG C 175 -14.92 -36.54 18.95
N ALA C 176 -15.58 -35.79 18.06
CA ALA C 176 -16.64 -36.37 17.23
C ALA C 176 -16.13 -37.56 16.42
N LEU C 177 -14.82 -37.57 16.17
CA LEU C 177 -14.20 -38.58 15.31
C LEU C 177 -13.36 -39.59 16.07
N VAL C 178 -13.23 -39.40 17.38
CA VAL C 178 -12.38 -40.24 18.20
C VAL C 178 -13.16 -41.43 18.76
N THR C 179 -12.46 -42.55 18.93
CA THR C 179 -13.05 -43.86 19.18
C THR C 179 -14.41 -43.99 18.50
N PRO C 180 -14.42 -44.60 17.31
CA PRO C 180 -15.64 -44.62 16.47
C PRO C 180 -16.80 -45.40 17.11
N SER C 181 -16.64 -45.80 18.37
CA SER C 181 -17.68 -46.59 19.05
C SER C 181 -18.96 -45.80 19.28
#